data_8KDU
#
_entry.id   8KDU
#
_cell.length_a   131.116
_cell.length_b   131.116
_cell.length_c   71.424
_cell.angle_alpha   90.00
_cell.angle_beta   90.00
_cell.angle_gamma   120.00
#
_symmetry.space_group_name_H-M   'H 3 2'
#
loop_
_entity.id
_entity.type
_entity.pdbx_description
1 polymer 'Cationic trypsin'
2 non-polymer 'ethyl (2~{S})-2-benzamido-5-carbamimidamido-pentanoate'
3 non-polymer '(2~{R})-2-benzamido-5-carbamimidamido-pentanoic acid'
4 non-polymer ARGININE
5 non-polymer GUANIDINE
6 non-polymer 'SULFATE ION'
7 non-polymer 'CALCIUM ION'
8 non-polymer 'CHLORIDE ION'
9 non-polymer DI(HYDROXYETHYL)ETHER
10 non-polymer ETHANOL
11 water water
#
_entity_poly.entity_id   1
_entity_poly.type   'polypeptide(L)'
_entity_poly.pdbx_seq_one_letter_code
;IVGGYTCGANTVPYQVSLNSGYHFCGGSLINSQWVVSAAHCYKSGIQVRLGEDNINVVEGNEQFISASKSIVHPSYNSNT
LNNDIMLIKLKSAASLNSRVASISLPTSCASAGTQCLISGWGNTKSSGTSYPDVLKCLKAPILSDSSCKSAYPGQITSNM
FCAGYLEGGKDSCQGDSGGPVVCSGKLQGIVSWGSGCAQKNKPGVYTKVCNYVSWIKQTIASN
;
_entity_poly.pdbx_strand_id   A
#
loop_
_chem_comp.id
_chem_comp.type
_chem_comp.name
_chem_comp.formula
CA non-polymer 'CALCIUM ION' 'Ca 2'
CL non-polymer 'CHLORIDE ION' 'Cl -1'
EOH non-polymer ETHANOL 'C2 H6 O'
GAI non-polymer GUANIDINE 'C H5 N3'
I4Q non-polymer 'ethyl (2~{S})-2-benzamido-5-carbamimidamido-pentanoate' 'C15 H22 N4 O3'
JNR non-polymer '(2~{R})-2-benzamido-5-carbamimidamido-pentanoic acid' 'C13 H18 N4 O3'
PEG non-polymer DI(HYDROXYETHYL)ETHER 'C4 H10 O3'
SO4 non-polymer 'SULFATE ION' 'O4 S -2'
#
# COMPACT_ATOMS: atom_id res chain seq x y z
N ILE A 1 0.93 9.76 5.12
CA ILE A 1 1.58 10.47 3.96
C ILE A 1 2.05 11.85 4.45
N VAL A 2 3.34 12.14 4.30
CA VAL A 2 3.93 13.47 4.63
C VAL A 2 4.16 14.22 3.31
N GLY A 3 3.74 15.48 3.25
CA GLY A 3 4.03 16.42 2.14
C GLY A 3 3.19 16.05 0.94
N GLY A 4 2.11 15.29 1.17
CA GLY A 4 1.11 14.95 0.16
C GLY A 4 0.00 15.98 0.06
N TYR A 5 -1.13 15.59 -0.53
CA TYR A 5 -2.32 16.45 -0.77
C TYR A 5 -3.58 15.60 -0.56
N THR A 6 -4.71 16.25 -0.34
CA THR A 6 -6.06 15.61 -0.31
C THR A 6 -6.38 15.05 -1.70
N CYS A 7 -6.35 13.75 -1.88
CA CYS A 7 -6.69 13.04 -3.14
C CYS A 7 -7.93 13.67 -3.79
N GLY A 8 -9.00 13.84 -3.00
CA GLY A 8 -10.37 13.97 -3.49
C GLY A 8 -11.15 12.68 -3.25
N ALA A 9 -12.43 12.81 -2.96
CA ALA A 9 -13.34 11.72 -2.56
C ALA A 9 -13.38 10.67 -3.67
N ASN A 10 -12.91 9.46 -3.35
CA ASN A 10 -13.06 8.24 -4.19
C ASN A 10 -12.27 8.40 -5.51
N THR A 11 -11.21 9.23 -5.52
CA THR A 11 -10.27 9.43 -6.64
C THR A 11 -9.20 8.33 -6.66
N VAL A 12 -9.13 7.51 -5.62
CA VAL A 12 -8.26 6.29 -5.57
C VAL A 12 -9.17 5.11 -5.27
N PRO A 13 -9.86 4.60 -6.31
CA PRO A 13 -10.98 3.67 -6.10
C PRO A 13 -10.54 2.28 -5.61
N TYR A 14 -9.25 1.98 -5.80
CA TYR A 14 -8.59 0.71 -5.41
C TYR A 14 -8.09 0.79 -3.96
N GLN A 15 -8.05 1.98 -3.37
CA GLN A 15 -7.56 2.17 -1.96
C GLN A 15 -8.59 1.63 -0.98
N VAL A 16 -8.17 0.66 -0.16
CA VAL A 16 -9.02 0.13 0.94
C VAL A 16 -8.34 0.42 2.27
N SER A 17 -9.13 0.29 3.33
CA SER A 17 -8.71 0.41 4.74
C SER A 17 -8.96 -0.94 5.41
N LEU A 18 -7.96 -1.39 6.16
CA LEU A 18 -8.08 -2.63 6.97
C LEU A 18 -8.41 -2.17 8.39
N ASN A 19 -9.56 -2.59 8.89
CA ASN A 19 -10.08 -2.09 10.20
C ASN A 19 -10.25 -3.26 11.16
N SER A 20 -9.72 -3.11 12.38
CA SER A 20 -9.87 -4.13 13.45
C SER A 20 -10.55 -3.42 14.62
N GLY A 21 -11.54 -2.60 14.31
CA GLY A 21 -12.16 -1.73 15.32
C GLY A 21 -11.57 -0.35 15.07
N TYR A 22 -10.53 -0.32 14.25
CA TYR A 22 -9.85 0.95 13.91
C TYR A 22 -8.97 0.76 12.67
N HIS A 23 -8.70 1.83 11.92
CA HIS A 23 -7.79 1.77 10.74
C HIS A 23 -6.35 1.59 11.22
N PHE A 24 -5.68 0.53 10.75
CA PHE A 24 -4.28 0.18 11.09
C PHE A 24 -3.45 -0.07 9.82
N CYS A 25 -4.06 -0.27 8.65
CA CYS A 25 -3.31 -0.47 7.38
C CYS A 25 -4.18 -0.16 6.15
N GLY A 26 -3.52 0.20 5.05
CA GLY A 26 -4.10 0.29 3.70
C GLY A 26 -4.02 -1.04 2.97
N GLY A 27 -4.65 -1.07 1.80
CA GLY A 27 -4.65 -2.24 0.91
C GLY A 27 -5.10 -1.80 -0.45
N SER A 28 -4.94 -2.66 -1.46
CA SER A 28 -5.24 -2.39 -2.87
C SER A 28 -6.19 -3.47 -3.34
N LEU A 29 -7.38 -3.07 -3.78
CA LEU A 29 -8.31 -4.00 -4.46
C LEU A 29 -7.73 -4.34 -5.84
N ILE A 30 -7.53 -5.64 -6.13
CA ILE A 30 -6.96 -6.06 -7.45
C ILE A 30 -7.99 -6.79 -8.30
N ASN A 31 -9.14 -7.18 -7.74
CA ASN A 31 -10.31 -7.72 -8.48
C ASN A 31 -11.49 -7.68 -7.51
N SER A 32 -12.64 -8.25 -7.91
CA SER A 32 -13.89 -8.12 -7.13
C SER A 32 -13.74 -8.72 -5.73
N GLN A 33 -12.78 -9.63 -5.49
CA GLN A 33 -12.76 -10.48 -4.28
C GLN A 33 -11.44 -10.44 -3.51
N TRP A 34 -10.43 -9.75 -4.01
CA TRP A 34 -9.07 -9.92 -3.49
C TRP A 34 -8.44 -8.55 -3.26
N VAL A 35 -7.74 -8.43 -2.14
CA VAL A 35 -6.95 -7.24 -1.74
C VAL A 35 -5.50 -7.65 -1.53
N VAL A 36 -4.55 -6.85 -2.03
CA VAL A 36 -3.15 -7.04 -1.60
C VAL A 36 -2.83 -5.96 -0.56
N SER A 37 -2.22 -6.41 0.53
CA SER A 37 -1.71 -5.56 1.63
C SER A 37 -0.31 -6.04 2.00
N ALA A 38 0.27 -5.53 3.10
CA ALA A 38 1.59 -5.92 3.63
C ALA A 38 1.39 -7.11 4.59
N ALA A 39 2.31 -8.07 4.57
CA ALA A 39 2.32 -9.21 5.52
C ALA A 39 2.33 -8.68 6.96
N HIS A 40 3.00 -7.56 7.23
CA HIS A 40 3.13 -7.07 8.62
C HIS A 40 1.81 -6.48 9.12
N CYS A 41 0.83 -6.31 8.25
CA CYS A 41 -0.56 -5.87 8.57
C CYS A 41 -1.44 -7.05 8.97
N TYR A 42 -0.92 -8.29 8.92
CA TYR A 42 -1.72 -9.50 9.26
C TYR A 42 -2.33 -9.32 10.66
N LYS A 43 -3.61 -9.63 10.76
CA LYS A 43 -4.28 -9.94 12.07
C LYS A 43 -5.62 -10.64 11.80
N SER A 44 -6.13 -11.28 12.83
CA SER A 44 -7.36 -12.10 12.82
C SER A 44 -8.57 -11.19 12.64
N GLY A 45 -9.59 -11.65 11.92
CA GLY A 45 -10.91 -11.00 11.83
C GLY A 45 -10.83 -9.57 11.28
N ILE A 46 -10.14 -9.39 10.17
CA ILE A 46 -10.00 -8.09 9.43
C ILE A 46 -11.35 -7.76 8.77
N GLN A 47 -11.80 -6.52 8.95
CA GLN A 47 -12.88 -5.94 8.13
C GLN A 47 -12.21 -5.04 7.08
N VAL A 48 -12.60 -5.20 5.82
CA VAL A 48 -12.14 -4.39 4.66
C VAL A 48 -13.18 -3.31 4.37
N ARG A 49 -12.70 -2.08 4.26
CA ARG A 49 -13.55 -0.88 4.00
C ARG A 49 -13.12 -0.25 2.67
N LEU A 50 -14.07 -0.25 1.74
CA LEU A 50 -13.90 0.30 0.38
C LEU A 50 -14.79 1.54 0.20
N GLY A 51 -14.47 2.39 -0.78
CA GLY A 51 -15.25 3.62 -1.05
C GLY A 51 -15.14 4.65 0.05
N GLU A 52 -14.14 4.51 0.91
CA GLU A 52 -13.84 5.45 2.01
C GLU A 52 -13.20 6.73 1.47
N ASP A 53 -13.57 7.90 1.99
CA ASP A 53 -12.71 9.10 1.92
C ASP A 53 -12.41 9.51 3.37
N ASN A 54 -13.40 10.09 4.07
CA ASN A 54 -13.30 10.34 5.52
C ASN A 54 -13.47 9.00 6.25
N ILE A 55 -12.39 8.45 6.82
CA ILE A 55 -12.46 7.08 7.40
C ILE A 55 -13.20 7.14 8.73
N ASN A 56 -13.44 8.32 9.31
CA ASN A 56 -14.13 8.42 10.63
C ASN A 56 -15.57 8.90 10.45
N VAL A 57 -16.08 9.07 9.22
CA VAL A 57 -17.48 9.57 9.00
C VAL A 57 -18.09 8.73 7.87
N VAL A 58 -19.31 8.25 8.03
CA VAL A 58 -20.06 7.54 6.96
C VAL A 58 -20.52 8.59 5.94
N GLU A 59 -20.13 8.45 4.68
CA GLU A 59 -20.37 9.45 3.61
C GLU A 59 -21.29 8.90 2.52
N GLY A 60 -21.38 7.58 2.43
CA GLY A 60 -22.45 6.88 1.68
C GLY A 60 -21.94 6.19 0.41
N ASN A 61 -20.64 6.08 0.18
CA ASN A 61 -20.08 5.33 -0.97
C ASN A 61 -19.31 4.10 -0.46
N GLU A 62 -19.37 3.83 0.85
CA GLU A 62 -18.56 2.77 1.49
C GLU A 62 -19.12 1.40 1.10
N GLN A 63 -18.27 0.39 1.06
CA GLN A 63 -18.65 -1.03 1.21
C GLN A 63 -17.81 -1.62 2.35
N PHE A 64 -18.46 -2.29 3.28
CA PHE A 64 -17.80 -2.94 4.43
C PHE A 64 -17.93 -4.43 4.16
N ILE A 65 -16.81 -5.14 3.97
CA ILE A 65 -16.82 -6.60 3.71
C ILE A 65 -15.76 -7.28 4.58
N SER A 66 -16.17 -8.32 5.33
CA SER A 66 -15.23 -9.11 6.15
C SER A 66 -14.24 -9.86 5.26
N ALA A 67 -12.99 -9.98 5.71
CA ALA A 67 -11.98 -10.92 5.16
C ALA A 67 -12.43 -12.35 5.49
N SER A 68 -12.57 -13.22 4.49
CA SER A 68 -12.78 -14.68 4.69
C SER A 68 -11.42 -15.41 4.73
N LYS A 69 -10.39 -14.88 4.06
CA LYS A 69 -9.01 -15.46 4.05
C LYS A 69 -7.97 -14.36 4.10
N SER A 70 -6.92 -14.55 4.88
CA SER A 70 -5.75 -13.65 4.95
C SER A 70 -4.49 -14.49 4.75
N ILE A 71 -3.79 -14.33 3.63
CA ILE A 71 -2.70 -15.27 3.25
C ILE A 71 -1.40 -14.50 3.15
N VAL A 72 -0.55 -14.70 4.15
CA VAL A 72 0.78 -14.06 4.29
C VAL A 72 1.74 -14.80 3.36
N HIS A 73 2.64 -14.08 2.71
CA HIS A 73 3.69 -14.74 1.90
C HIS A 73 4.38 -15.80 2.76
N PRO A 74 4.48 -17.06 2.26
CA PRO A 74 5.21 -18.13 2.94
C PRO A 74 6.61 -17.78 3.44
N SER A 75 7.35 -16.90 2.78
CA SER A 75 8.71 -16.55 3.23
C SER A 75 8.74 -15.14 3.83
N TYR A 76 7.62 -14.64 4.33
CA TYR A 76 7.60 -13.34 5.01
C TYR A 76 8.53 -13.44 6.23
N ASN A 77 9.42 -12.47 6.39
CA ASN A 77 10.39 -12.37 7.53
C ASN A 77 10.04 -11.10 8.30
N SER A 78 9.49 -11.23 9.52
CA SER A 78 9.06 -10.10 10.37
C SER A 78 10.24 -9.24 10.84
N ASN A 79 11.48 -9.71 10.66
CA ASN A 79 12.68 -8.98 11.13
C ASN A 79 13.23 -8.14 9.97
N THR A 80 13.44 -8.73 8.80
CA THR A 80 13.98 -8.04 7.61
C THR A 80 12.86 -7.33 6.83
N LEU A 81 11.61 -7.76 7.02
CA LEU A 81 10.40 -7.35 6.23
C LEU A 81 10.57 -7.80 4.77
N ASN A 82 11.38 -8.83 4.52
CA ASN A 82 11.46 -9.48 3.18
C ASN A 82 10.14 -10.19 2.91
N ASN A 83 9.63 -10.05 1.68
CA ASN A 83 8.34 -10.66 1.24
C ASN A 83 7.18 -10.08 2.07
N ASP A 84 7.15 -8.75 2.22
CA ASP A 84 6.10 -8.05 3.01
C ASP A 84 4.84 -7.93 2.16
N ILE A 85 4.18 -9.05 1.89
CA ILE A 85 2.95 -9.06 1.06
C ILE A 85 1.98 -10.09 1.63
N MET A 86 0.69 -9.73 1.58
CA MET A 86 -0.45 -10.55 2.06
C MET A 86 -1.58 -10.41 1.04
N LEU A 87 -2.32 -11.47 0.79
CA LEU A 87 -3.59 -11.48 0.03
C LEU A 87 -4.75 -11.66 1.00
N ILE A 88 -5.78 -10.86 0.81
CA ILE A 88 -7.00 -10.95 1.65
C ILE A 88 -8.13 -11.29 0.68
N LYS A 89 -8.85 -12.37 0.94
CA LYS A 89 -10.06 -12.67 0.15
C LYS A 89 -11.25 -12.07 0.88
N LEU A 90 -12.14 -11.45 0.13
CA LEU A 90 -13.37 -10.82 0.65
C LEU A 90 -14.44 -11.91 0.74
N LYS A 91 -15.26 -11.86 1.79
CA LYS A 91 -16.35 -12.82 2.07
C LYS A 91 -17.38 -12.75 0.95
N SER A 92 -17.66 -11.56 0.41
CA SER A 92 -18.45 -11.38 -0.84
C SER A 92 -17.69 -10.46 -1.82
N ALA A 93 -18.08 -10.50 -3.09
CA ALA A 93 -17.54 -9.65 -4.19
C ALA A 93 -17.99 -8.20 -3.98
N ALA A 94 -17.06 -7.27 -4.15
CA ALA A 94 -17.32 -5.83 -4.12
C ALA A 94 -18.17 -5.49 -5.33
N SER A 95 -18.96 -4.44 -5.20
CA SER A 95 -19.77 -3.90 -6.31
C SER A 95 -18.95 -2.84 -7.05
N LEU A 96 -18.75 -3.04 -8.35
CA LEU A 96 -18.01 -2.12 -9.23
C LEU A 96 -18.79 -0.80 -9.39
N ASN A 97 -18.13 0.34 -9.18
CA ASN A 97 -18.64 1.66 -9.61
C ASN A 97 -17.44 2.59 -9.77
N SER A 98 -17.70 3.85 -10.13
CA SER A 98 -16.68 4.89 -10.37
C SER A 98 -15.79 5.06 -9.10
N ARG A 99 -16.30 4.67 -7.93
CA ARG A 99 -15.71 4.97 -6.60
C ARG A 99 -15.05 3.72 -6.01
N VAL A 100 -15.40 2.53 -6.48
CA VAL A 100 -14.87 1.23 -5.98
C VAL A 100 -14.50 0.40 -7.22
N ALA A 101 -13.19 0.24 -7.49
CA ALA A 101 -12.64 -0.49 -8.65
C ALA A 101 -11.29 -1.11 -8.28
N SER A 102 -10.89 -2.11 -9.06
CA SER A 102 -9.59 -2.81 -8.93
C SER A 102 -8.49 -2.01 -9.64
N ILE A 103 -7.25 -2.21 -9.21
CA ILE A 103 -6.06 -1.69 -9.93
C ILE A 103 -5.36 -2.91 -10.53
N SER A 104 -4.89 -2.77 -11.76
CA SER A 104 -4.25 -3.87 -12.49
C SER A 104 -2.90 -4.22 -11.84
N LEU A 105 -2.55 -5.52 -11.83
CA LEU A 105 -1.21 -6.03 -11.44
C LEU A 105 -0.19 -5.68 -12.53
N PRO A 106 1.11 -5.63 -12.21
CA PRO A 106 2.11 -5.37 -13.24
C PRO A 106 2.26 -6.62 -14.13
N THR A 107 2.76 -6.37 -15.33
CA THR A 107 3.16 -7.44 -16.27
C THR A 107 4.69 -7.33 -16.30
N SER A 108 5.26 -6.20 -15.86
CA SER A 108 6.72 -5.96 -15.84
C SER A 108 7.13 -5.11 -14.64
N CYS A 109 8.41 -5.15 -14.24
CA CYS A 109 8.92 -4.23 -13.22
C CYS A 109 9.11 -2.85 -13.84
N ALA A 110 8.73 -1.84 -13.08
CA ALA A 110 8.77 -0.46 -13.57
C ALA A 110 10.17 0.10 -13.42
N SER A 111 10.43 1.17 -14.14
CA SER A 111 11.80 1.72 -14.17
C SER A 111 12.03 2.85 -13.18
N ALA A 112 13.24 2.91 -12.64
CA ALA A 112 13.63 4.09 -11.85
C ALA A 112 13.30 5.36 -12.65
N GLY A 113 12.69 6.32 -11.98
CA GLY A 113 12.30 7.57 -12.66
C GLY A 113 10.83 7.61 -13.01
N THR A 114 10.18 6.46 -13.16
CA THR A 114 8.72 6.42 -13.37
C THR A 114 8.02 7.07 -12.17
N GLN A 115 7.09 7.97 -12.44
CA GLN A 115 6.29 8.59 -11.38
C GLN A 115 5.23 7.60 -10.85
N CYS A 116 5.03 7.59 -9.54
CA CYS A 116 4.03 6.71 -8.87
C CYS A 116 3.10 7.58 -8.02
N LEU A 117 1.90 7.09 -7.80
CA LEU A 117 0.94 7.64 -6.84
C LEU A 117 0.86 6.73 -5.60
N ILE A 118 1.10 7.34 -4.44
CA ILE A 118 1.08 6.65 -3.13
C ILE A 118 0.02 7.35 -2.29
N SER A 119 -0.84 6.54 -1.66
CA SER A 119 -2.06 7.04 -0.97
C SER A 119 -2.21 6.36 0.37
N GLY A 120 -2.85 7.03 1.32
CA GLY A 120 -3.16 6.42 2.63
C GLY A 120 -3.64 7.40 3.67
N TRP A 121 -4.06 6.87 4.80
CA TRP A 121 -4.58 7.62 5.97
C TRP A 121 -3.54 7.60 7.10
N GLY A 122 -2.28 7.31 6.76
CA GLY A 122 -1.19 7.32 7.73
C GLY A 122 -0.84 8.71 8.25
N ASN A 123 0.10 8.70 9.19
CA ASN A 123 0.70 9.91 9.81
C ASN A 123 1.13 10.90 8.71
N THR A 124 0.75 12.16 8.85
CA THR A 124 1.10 13.27 7.94
C THR A 124 2.25 14.09 8.52
N LYS A 125 2.69 13.78 9.74
CA LYS A 125 3.78 14.48 10.45
C LYS A 125 5.03 13.58 10.51
N SER A 126 6.17 14.10 10.13
CA SER A 126 7.50 13.46 10.30
C SER A 126 7.98 13.58 11.76
N SER A 127 7.37 14.47 12.55
CA SER A 127 7.72 14.74 13.96
C SER A 127 6.43 14.91 14.77
N GLY A 128 6.06 13.91 15.56
CA GLY A 128 4.76 13.88 16.24
C GLY A 128 3.78 13.06 15.44
N THR A 129 2.49 13.22 15.68
CA THR A 129 1.46 12.30 15.14
C THR A 129 0.25 13.15 14.75
N SER A 130 -0.11 13.08 13.48
CA SER A 130 -1.41 13.58 13.01
C SER A 130 -1.94 12.58 11.96
N TYR A 131 -3.13 12.07 12.21
CA TYR A 131 -3.91 11.18 11.32
C TYR A 131 -5.00 12.01 10.65
N PRO A 132 -5.02 12.03 9.30
CA PRO A 132 -5.99 12.82 8.56
C PRO A 132 -7.36 12.12 8.57
N ASP A 133 -8.45 12.86 8.44
CA ASP A 133 -9.77 12.20 8.23
C ASP A 133 -9.82 11.64 6.79
N VAL A 134 -9.41 12.46 5.82
CA VAL A 134 -9.58 12.20 4.35
C VAL A 134 -8.28 11.60 3.80
N LEU A 135 -8.40 10.85 2.70
CA LEU A 135 -7.25 10.13 2.08
C LEU A 135 -6.26 11.16 1.52
N LYS A 136 -4.97 10.95 1.80
CA LYS A 136 -3.85 11.76 1.25
C LYS A 136 -3.16 11.01 0.10
N CYS A 137 -2.62 11.78 -0.82
CA CYS A 137 -2.00 11.33 -2.09
C CYS A 137 -0.61 11.94 -2.20
N LEU A 138 0.32 11.15 -2.72
CA LEU A 138 1.68 11.66 -2.99
C LEU A 138 2.13 11.19 -4.38
N LYS A 139 2.73 12.08 -5.15
CA LYS A 139 3.47 11.69 -6.36
C LYS A 139 4.95 11.56 -5.97
N ALA A 140 5.54 10.42 -6.27
CA ALA A 140 6.90 10.03 -5.83
C ALA A 140 7.49 9.13 -6.91
N PRO A 141 8.71 9.44 -7.41
CA PRO A 141 9.37 8.57 -8.39
C PRO A 141 10.04 7.36 -7.75
N ILE A 142 10.01 6.24 -8.49
CA ILE A 142 10.88 5.05 -8.25
C ILE A 142 12.32 5.56 -8.25
N LEU A 143 13.08 5.24 -7.20
CA LEU A 143 14.52 5.58 -7.13
C LEU A 143 15.31 4.36 -7.61
N SER A 144 16.49 4.65 -8.18
CA SER A 144 17.51 3.65 -8.63
C SER A 144 17.78 2.63 -7.52
N ASP A 145 17.83 1.34 -7.87
CA ASP A 145 18.22 0.28 -6.92
C ASP A 145 19.53 0.72 -6.24
N SER A 146 20.40 1.39 -6.97
CA SER A 146 21.72 1.83 -6.44
C SER A 146 21.57 2.85 -5.29
N SER A 147 20.77 3.91 -5.46
CA SER A 147 20.62 4.97 -4.40
C SER A 147 19.80 4.42 -3.22
N CYS A 148 18.91 3.44 -3.46
CA CYS A 148 18.14 2.70 -2.43
C CYS A 148 19.13 1.95 -1.52
N LYS A 149 20.04 1.18 -2.12
CA LYS A 149 21.05 0.39 -1.37
C LYS A 149 22.02 1.35 -0.67
N SER A 150 22.30 2.50 -1.26
CA SER A 150 23.19 3.51 -0.64
C SER A 150 22.53 4.06 0.63
N ALA A 151 21.20 4.27 0.60
CA ALA A 151 20.40 4.81 1.72
C ALA A 151 20.26 3.75 2.83
N TYR A 152 20.09 2.49 2.46
CA TYR A 152 19.78 1.39 3.41
C TYR A 152 20.76 0.24 3.20
N PRO A 153 22.06 0.47 3.48
CA PRO A 153 23.06 -0.57 3.30
C PRO A 153 22.72 -1.83 4.13
N GLY A 154 22.87 -2.99 3.48
CA GLY A 154 22.62 -4.35 4.03
C GLY A 154 21.14 -4.65 4.30
N GLN A 155 20.21 -3.83 3.81
CA GLN A 155 18.77 -4.00 4.13
C GLN A 155 17.89 -4.17 2.90
N ILE A 156 18.34 -3.83 1.70
CA ILE A 156 17.42 -3.83 0.51
C ILE A 156 17.56 -5.18 -0.18
N THR A 157 16.51 -6.00 -0.18
CA THR A 157 16.46 -7.27 -0.94
C THR A 157 15.98 -6.96 -2.37
N SER A 158 16.05 -7.98 -3.25
CA SER A 158 15.51 -7.93 -4.65
C SER A 158 13.98 -7.86 -4.61
N ASN A 159 13.35 -8.04 -3.44
CA ASN A 159 11.89 -7.87 -3.26
C ASN A 159 11.51 -6.46 -2.72
N MET A 160 12.42 -5.50 -2.78
CA MET A 160 12.20 -4.14 -2.23
C MET A 160 12.67 -3.11 -3.25
N PHE A 161 11.95 -1.99 -3.35
CA PHE A 161 12.44 -0.79 -4.06
C PHE A 161 12.14 0.44 -3.20
N CYS A 162 12.89 1.52 -3.45
CA CYS A 162 12.71 2.84 -2.83
C CYS A 162 11.95 3.70 -3.82
N ALA A 163 11.07 4.54 -3.32
CA ALA A 163 10.42 5.63 -4.09
C ALA A 163 10.44 6.87 -3.20
N GLY A 164 10.47 8.06 -3.79
CA GLY A 164 10.41 9.34 -3.06
C GLY A 164 11.54 10.26 -3.48
N TYR A 165 12.16 10.92 -2.48
CA TYR A 165 13.00 12.13 -2.65
C TYR A 165 14.15 12.03 -1.65
N LEU A 166 15.39 11.92 -2.14
CA LEU A 166 16.58 11.78 -1.24
C LEU A 166 16.73 13.04 -0.37
N GLU A 167 16.13 14.18 -0.76
CA GLU A 167 16.16 15.44 0.01
C GLU A 167 15.13 15.38 1.17
N GLY A 168 14.28 14.33 1.18
CA GLY A 168 13.16 14.16 2.12
C GLY A 168 12.02 15.10 1.82
N GLY A 169 11.09 15.24 2.76
CA GLY A 169 9.96 16.22 2.69
C GLY A 169 8.68 15.61 2.14
N LYS A 170 8.78 14.46 1.47
CA LYS A 170 7.60 13.73 0.96
C LYS A 170 7.82 12.23 1.13
N ASP A 171 6.87 11.56 1.75
CA ASP A 171 7.03 10.11 2.04
C ASP A 171 5.70 9.53 2.46
N SER A 172 5.62 8.21 2.43
CA SER A 172 4.66 7.39 3.20
C SER A 172 5.10 7.39 4.67
N CYS A 173 4.24 6.95 5.58
CA CYS A 173 4.56 6.96 7.03
C CYS A 173 3.71 5.90 7.74
N GLN A 174 3.76 5.89 9.06
CA GLN A 174 3.04 4.93 9.95
C GLN A 174 1.55 5.05 9.64
N GLY A 175 0.90 3.90 9.36
CA GLY A 175 -0.54 3.81 9.04
C GLY A 175 -0.81 3.79 7.54
N ASP A 176 0.22 3.98 6.71
CA ASP A 176 0.09 3.87 5.24
C ASP A 176 0.40 2.45 4.81
N SER A 177 1.05 1.65 5.67
CA SER A 177 1.51 0.28 5.39
C SER A 177 0.40 -0.50 4.69
N GLY A 178 0.77 -1.29 3.69
CA GLY A 178 -0.12 -2.20 2.96
C GLY A 178 -0.79 -1.47 1.81
N GLY A 179 -0.68 -0.15 1.82
CA GLY A 179 -1.31 0.72 0.82
C GLY A 179 -0.60 0.66 -0.53
N PRO A 180 -1.26 1.20 -1.56
CA PRO A 180 -0.79 1.12 -2.93
C PRO A 180 0.34 2.08 -3.33
N VAL A 181 1.22 1.59 -4.18
CA VAL A 181 2.16 2.39 -5.02
C VAL A 181 1.84 2.06 -6.47
N VAL A 182 1.20 3.00 -7.17
CA VAL A 182 0.65 2.74 -8.53
C VAL A 182 1.46 3.57 -9.50
N CYS A 183 2.13 2.93 -10.47
CA CYS A 183 3.02 3.58 -11.47
C CYS A 183 2.70 3.04 -12.86
N SER A 184 2.56 3.93 -13.86
CA SER A 184 2.06 3.64 -15.22
C SER A 184 0.83 2.71 -15.17
N GLY A 185 -0.18 3.06 -14.37
CA GLY A 185 -1.47 2.34 -14.30
C GLY A 185 -1.40 0.97 -13.65
N LYS A 186 -0.27 0.63 -13.04
CA LYS A 186 -0.10 -0.72 -12.45
C LYS A 186 0.30 -0.66 -10.97
N LEU A 187 -0.10 -1.67 -10.20
CA LEU A 187 0.33 -1.78 -8.79
C LEU A 187 1.76 -2.34 -8.74
N GLN A 188 2.74 -1.48 -8.55
CA GLN A 188 4.17 -1.84 -8.50
C GLN A 188 4.62 -1.97 -7.04
N GLY A 189 3.99 -1.31 -6.07
CA GLY A 189 4.47 -1.36 -4.68
C GLY A 189 3.40 -1.51 -3.61
N ILE A 190 3.85 -1.97 -2.45
CA ILE A 190 3.08 -1.97 -1.19
C ILE A 190 3.87 -1.17 -0.15
N VAL A 191 3.23 -0.25 0.56
CA VAL A 191 3.91 0.51 1.64
C VAL A 191 4.38 -0.53 2.69
N SER A 192 5.70 -0.61 2.91
CA SER A 192 6.33 -1.62 3.78
C SER A 192 7.04 -0.94 4.94
N TRP A 193 8.14 -0.23 4.66
CA TRP A 193 9.04 0.26 5.75
C TRP A 193 9.87 1.46 5.29
N GLY A 194 10.50 2.07 6.29
CA GLY A 194 11.41 3.20 6.10
C GLY A 194 12.02 3.61 7.43
N SER A 195 13.12 4.35 7.44
CA SER A 195 13.69 4.92 8.69
C SER A 195 13.07 6.29 8.93
N GLY A 196 12.11 6.37 9.83
CA GLY A 196 11.35 7.62 9.98
C GLY A 196 10.50 7.86 8.76
N CYS A 197 10.06 9.10 8.54
CA CYS A 197 9.27 9.47 7.36
C CYS A 197 9.82 10.80 6.83
N ALA A 198 10.14 10.88 5.55
CA ALA A 198 10.41 12.14 4.84
C ALA A 198 11.78 12.71 5.25
N GLN A 199 12.62 11.90 5.88
CA GLN A 199 13.96 12.35 6.33
C GLN A 199 14.90 12.24 5.14
N LYS A 200 15.93 13.05 5.15
CA LYS A 200 16.94 13.05 4.07
C LYS A 200 17.67 11.71 3.95
N ASN A 201 17.82 11.26 2.72
CA ASN A 201 18.56 10.01 2.37
C ASN A 201 17.87 8.80 2.99
N LYS A 202 16.58 8.92 3.37
CA LYS A 202 15.75 7.86 4.01
C LYS A 202 14.41 7.77 3.31
N PRO A 203 14.39 7.39 2.02
CA PRO A 203 13.15 7.28 1.27
C PRO A 203 12.35 6.06 1.75
N GLY A 204 11.06 6.03 1.42
CA GLY A 204 10.20 4.87 1.69
C GLY A 204 10.69 3.64 0.96
N VAL A 205 10.54 2.48 1.58
CA VAL A 205 10.91 1.16 1.00
C VAL A 205 9.60 0.40 0.78
N TYR A 206 9.47 -0.15 -0.41
CA TYR A 206 8.18 -0.72 -0.87
C TYR A 206 8.41 -2.16 -1.32
N THR A 207 7.48 -3.05 -1.00
CA THR A 207 7.44 -4.41 -1.58
C THR A 207 7.34 -4.32 -3.10
N LYS A 208 8.18 -5.09 -3.80
CA LYS A 208 8.31 -5.08 -5.29
C LYS A 208 7.30 -6.07 -5.87
N VAL A 209 6.09 -5.59 -6.19
CA VAL A 209 4.93 -6.46 -6.50
C VAL A 209 5.23 -7.31 -7.74
N CYS A 210 5.99 -6.77 -8.69
CA CYS A 210 6.26 -7.45 -9.99
C CYS A 210 6.93 -8.81 -9.74
N ASN A 211 7.51 -9.05 -8.57
CA ASN A 211 8.14 -10.36 -8.26
C ASN A 211 7.09 -11.38 -7.81
N TYR A 212 5.87 -10.96 -7.48
CA TYR A 212 4.86 -11.79 -6.78
C TYR A 212 3.66 -12.11 -7.69
N VAL A 213 3.68 -11.68 -8.94
CA VAL A 213 2.48 -11.77 -9.86
C VAL A 213 2.05 -13.24 -10.02
N SER A 214 3.01 -14.14 -10.13
CA SER A 214 2.75 -15.57 -10.36
C SER A 214 2.23 -16.22 -9.06
N TRP A 215 2.79 -15.89 -7.90
CA TRP A 215 2.24 -16.30 -6.57
C TRP A 215 0.80 -15.78 -6.37
N ILE A 216 0.56 -14.50 -6.69
CA ILE A 216 -0.79 -13.86 -6.54
C ILE A 216 -1.81 -14.61 -7.38
N LYS A 217 -1.50 -14.87 -8.66
CA LYS A 217 -2.44 -15.53 -9.62
C LYS A 217 -2.71 -16.97 -9.17
N GLN A 218 -1.68 -17.70 -8.73
CA GLN A 218 -1.81 -19.08 -8.20
C GLN A 218 -2.67 -19.09 -6.94
N THR A 219 -2.46 -18.12 -6.04
CA THR A 219 -3.19 -18.06 -4.75
C THR A 219 -4.68 -17.83 -5.04
N ILE A 220 -4.98 -16.92 -5.95
CA ILE A 220 -6.38 -16.53 -6.35
C ILE A 220 -7.09 -17.75 -6.95
N ALA A 221 -6.40 -18.47 -7.83
CA ALA A 221 -6.89 -19.68 -8.52
C ALA A 221 -7.19 -20.79 -7.52
N SER A 222 -6.32 -21.01 -6.54
CA SER A 222 -6.44 -22.10 -5.53
C SER A 222 -7.53 -21.81 -4.50
N ASN A 223 -7.94 -20.54 -4.32
CA ASN A 223 -8.69 -20.10 -3.11
C ASN A 223 -9.99 -19.43 -3.54
O3 I4Q B . 5.66 0.72 11.07
O2 I4Q B . 2.49 1.87 8.27
O1 I4Q B . 3.29 0.45 9.81
C11 I4Q B . 8.77 1.05 9.41
C10 I4Q B . 7.87 0.43 10.25
C1 I4Q B . 1.18 -0.12 10.70
C2 I4Q B . 2.34 0.76 10.86
C3 I4Q B . 3.43 1.35 8.82
C4 I4Q B . 4.89 1.70 8.55
C5 I4Q B . 5.13 2.22 7.12
C6 I4Q B . 6.46 2.97 7.08
C7 I4Q B . 6.68 4.02 6.00
N1 I4Q B . 7.96 4.73 6.17
C8 I4Q B . 8.56 5.44 5.21
N2 I4Q B . 7.99 5.52 4.03
N3 I4Q B . 9.70 6.07 5.43
N4 I4Q B . 5.84 0.61 8.86
C9 I4Q B . 6.37 0.52 10.08
C12 I4Q B . 10.13 0.99 9.66
C13 I4Q B . 10.61 0.32 10.77
C14 I4Q B . 9.72 -0.28 11.63
C15 I4Q B . 8.36 -0.22 11.38
N1 JNR C . -16.04 -13.29 -9.33
C2 JNR C . -18.70 -10.82 -9.44
C3 JNR C . -18.49 -9.36 -9.73
C4 JNR C . -19.68 -8.57 -9.18
C5 JNR C . -19.41 -7.08 -9.06
C6 JNR C . -17.13 -6.40 -10.07
C7 JNR C . -15.89 -5.69 -9.58
C1 JNR C . -17.22 -12.75 -9.12
N2 JNR C . -18.20 -13.45 -8.58
N3 JNR C . -17.41 -11.48 -9.42
N4 JNR C . -17.99 -6.74 -9.08
O1 JNR C . -17.24 -6.69 -11.26
C8 JNR C . -15.98 -4.82 -8.48
C9 JNR C . -14.87 -4.12 -8.04
C10 JNR C . -13.65 -4.29 -8.68
C11 JNR C . -13.55 -5.18 -9.75
C12 JNR C . -14.66 -5.88 -10.19
C13 JNR C . -20.37 -6.21 -9.90
O2 JNR C . -21.18 -6.78 -10.63
O3 JNR C . -20.40 -5.02 -9.62
N ARG D . -2.39 20.48 -7.73
CA ARG D . -3.36 19.50 -7.13
C ARG D . -4.57 20.27 -6.58
O ARG D . -5.41 19.67 -5.89
CB ARG D . -2.68 18.68 -6.03
CG ARG D . -1.20 18.43 -6.25
CD ARG D . -0.96 17.60 -7.50
NE ARG D . 0.38 17.81 -8.02
CZ ARG D . 1.45 17.07 -7.77
NH1 ARG D . 2.59 17.40 -8.33
NH2 ARG D . 1.40 16.02 -6.99
OXT ARG D . -4.74 21.48 -6.80
C GAI E . -4.70 20.21 0.08
N1 GAI E . -3.98 21.31 0.13
N2 GAI E . -5.59 19.95 1.00
N3 GAI E . -4.50 19.36 -0.90
S SO4 F . -13.31 -11.09 -10.34
O1 SO4 F . -13.63 -11.26 -8.94
O2 SO4 F . -12.18 -11.92 -10.64
O3 SO4 F . -14.45 -11.48 -11.14
O4 SO4 F . -13.02 -9.70 -10.61
CA CA G . -16.24 7.01 5.51
CL CL H . 10.64 -7.33 -15.91
CL CL I . 24.17 -3.87 0.26
CL CL J . 17.37 0.66 -11.17
C1 PEG K . 13.29 -14.44 -1.33
O1 PEG K . 12.59 -15.16 -0.27
C2 PEG K . 14.68 -14.00 -0.93
O2 PEG K . 15.27 -13.19 -1.94
C3 PEG K . 16.09 -12.14 -1.38
C4 PEG K . 17.17 -11.69 -2.35
O4 PEG K . 17.78 -10.45 -1.97
C1 EOH L . 14.04 -2.45 8.98
C2 EOH L . 14.67 -1.40 9.81
O EOH L . 12.71 -2.74 9.32
C1 EOH M . -19.48 -10.94 9.17
C2 EOH M . -20.17 -11.01 7.87
O EOH M . -18.46 -11.93 9.33
#